data_3O3U
#
_entry.id   3O3U
#
_cell.length_a   81.739
_cell.length_b   89.308
_cell.length_c   97.978
_cell.angle_alpha   90.00
_cell.angle_beta   90.00
_cell.angle_gamma   90.00
#
_symmetry.space_group_name_H-M   'P 21 21 2'
#
loop_
_entity.id
_entity.type
_entity.pdbx_description
1 polymer 'Maltose-binding periplasmic protein, Advanced glycosylation end product-specific receptor'
2 branched alpha-D-glucopyranose-(1-4)-alpha-D-glucopyranose-(1-4)-alpha-D-glucopyranose
3 non-polymer 'SULFATE ION'
4 water water
#
_entity_poly.entity_id   1
_entity_poly.type   'polypeptide(L)'
_entity_poly.pdbx_seq_one_letter_code
;MIEEGKLVIWINGDKGYNGLAEVGKKFEKDTGIKVTVEHPDKLEEKFPQVAATGDGPDIIFWAHDRFGGYAQSGLLAEIT
PDKAFQDKLYPFTWDAVRYNGKLIAYPIAVEALSLIYNKDLLPNPPKTWEEIPALDKELKAKGKSALMFNLQEPYFTWPL
IAADGGYAFKYENGKYDIKDVGVDNAGAKAGLTFLVDLIKNKHMNADTDYSIAEAAFNKGETAMTINGPWAWSNIDTSKV
NYGVTVLPTFKGQPSKPFVGVLSAGINAASPNKELAKEFLENYLLTDEGLEAVNKDKPLGAVALKSYEEELAKDPRIAAT
MENAQKGEIMPNIPQMSAFWYAVRTAVINAASGRQTVDAALAAAQTNAAAASAQNITARIGEPLVLKCKGAPKKPPQRLE
WKLNTGRTEAWKVLSPQGGGPWDSVARVLPNGSLFLPAVGIQDEGIFRCQAMNRNGKETKSNYRVRVYQIPGKPEIVDSA
SELTAGVPNKVGTCVSEGSYPAGTLSWHLDGKPLVPNEKGVSVKEQTRRHPETGLFTLQSELMVTPARGGDPRPTFSCSF
SPGLPRHRALRTAPIQPRVWE
;
_entity_poly.pdbx_strand_id   N
#
# COMPACT_ATOMS: atom_id res chain seq x y z
N ILE A 2 -8.64 -8.53 -18.08
CA ILE A 2 -8.07 -7.36 -18.72
C ILE A 2 -8.47 -7.32 -20.19
N GLU A 3 -9.04 -6.21 -20.62
CA GLU A 3 -9.53 -6.06 -22.00
C GLU A 3 -8.42 -5.85 -23.02
N GLU A 4 -8.46 -6.65 -24.09
CA GLU A 4 -7.52 -6.49 -25.18
C GLU A 4 -7.92 -5.27 -26.00
N GLY A 5 -6.93 -4.51 -26.47
CA GLY A 5 -7.20 -3.40 -27.36
C GLY A 5 -7.43 -2.08 -26.67
N LYS A 6 -6.99 -1.98 -25.43
CA LYS A 6 -7.00 -0.70 -24.72
C LYS A 6 -5.97 -0.76 -23.62
N LEU A 7 -5.70 0.38 -23.01
CA LEU A 7 -4.77 0.42 -21.88
C LEU A 7 -5.43 1.01 -20.66
N VAL A 8 -5.32 0.28 -19.55
CA VAL A 8 -5.76 0.80 -18.27
C VAL A 8 -4.50 1.03 -17.43
N ILE A 9 -4.37 2.24 -16.90
CA ILE A 9 -3.20 2.62 -16.11
C ILE A 9 -3.62 2.99 -14.70
N TRP A 10 -2.88 2.49 -13.70
CA TRP A 10 -3.08 2.92 -12.32
C TRP A 10 -1.91 3.80 -11.87
N ILE A 11 -2.22 4.94 -11.26
CA ILE A 11 -1.18 5.81 -10.71
C ILE A 11 -1.74 6.46 -9.44
N ASN A 12 -0.86 6.80 -8.51
CA ASN A 12 -1.34 7.33 -7.23
C ASN A 12 -1.97 8.71 -7.37
N GLY A 13 -2.93 8.98 -6.48
CA GLY A 13 -3.72 10.19 -6.59
C GLY A 13 -2.97 11.48 -6.30
N ASP A 14 -1.76 11.38 -5.77
CA ASP A 14 -0.93 12.57 -5.57
C ASP A 14 -0.09 12.96 -6.80
N LYS A 15 -0.14 12.14 -7.85
CA LYS A 15 0.65 12.38 -9.07
C LYS A 15 -0.18 13.05 -10.17
N GLY A 16 0.49 13.40 -11.28
CA GLY A 16 -0.17 14.12 -12.36
C GLY A 16 -1.00 13.24 -13.28
N TYR A 17 -2.08 12.66 -12.76
CA TYR A 17 -2.88 11.73 -13.55
C TYR A 17 -3.67 12.39 -14.67
N ASN A 18 -4.05 13.65 -14.50
CA ASN A 18 -4.69 14.37 -15.61
C ASN A 18 -3.71 14.64 -16.74
N GLY A 19 -2.48 15.02 -16.39
CA GLY A 19 -1.43 15.17 -17.38
C GLY A 19 -1.15 13.87 -18.12
N LEU A 20 -1.10 12.78 -17.36
CA LEU A 20 -0.86 11.47 -17.97
C LEU A 20 -1.99 11.12 -18.92
N ALA A 21 -3.22 11.47 -18.54
CA ALA A 21 -4.36 11.21 -19.42
C ALA A 21 -4.24 11.98 -20.73
N GLU A 22 -3.63 13.16 -20.69
CA GLU A 22 -3.38 13.94 -21.91
C GLU A 22 -2.41 13.22 -22.84
N VAL A 23 -1.39 12.60 -22.27
CA VAL A 23 -0.47 11.78 -23.06
C VAL A 23 -1.26 10.62 -23.69
N GLY A 24 -2.16 10.03 -22.92
CA GLY A 24 -3.02 8.98 -23.41
C GLY A 24 -3.90 9.41 -24.57
N LYS A 25 -4.37 10.66 -24.55
CA LYS A 25 -5.19 11.15 -25.66
C LYS A 25 -4.38 11.26 -26.96
N LYS A 26 -3.11 11.64 -26.84
CA LYS A 26 -2.25 11.72 -28.01
C LYS A 26 -2.00 10.33 -28.60
N PHE A 27 -1.83 9.35 -27.72
CA PHE A 27 -1.67 7.95 -28.12
C PHE A 27 -2.91 7.49 -28.86
N GLU A 28 -4.08 7.86 -28.33
CA GLU A 28 -5.35 7.47 -28.91
C GLU A 28 -5.52 8.08 -30.30
N LYS A 29 -5.07 9.32 -30.46
CA LYS A 29 -5.15 10.00 -31.76
C LYS A 29 -4.34 9.25 -32.82
N ASP A 30 -3.16 8.78 -32.45
CA ASP A 30 -2.26 8.13 -33.39
C ASP A 30 -2.63 6.67 -33.68
N THR A 31 -3.19 6.01 -32.67
CA THR A 31 -3.35 4.57 -32.72
C THR A 31 -4.78 4.08 -32.64
N GLY A 32 -5.71 4.95 -32.23
CA GLY A 32 -7.08 4.54 -32.01
C GLY A 32 -7.32 3.83 -30.69
N ILE A 33 -6.26 3.65 -29.90
CA ILE A 33 -6.33 2.88 -28.66
C ILE A 33 -6.62 3.79 -27.46
N LYS A 34 -7.70 3.47 -26.74
CA LYS A 34 -8.13 4.23 -25.57
C LYS A 34 -7.22 3.96 -24.39
N VAL A 35 -6.85 5.03 -23.70
CA VAL A 35 -6.02 4.93 -22.50
C VAL A 35 -6.79 5.50 -21.32
N THR A 36 -7.11 4.65 -20.36
CA THR A 36 -7.86 5.07 -19.19
C THR A 36 -6.95 5.11 -17.99
N VAL A 37 -6.85 6.28 -17.38
CA VAL A 37 -6.01 6.48 -16.22
C VAL A 37 -6.89 6.50 -14.96
N GLU A 38 -6.55 5.65 -14.02
CA GLU A 38 -7.28 5.58 -12.76
C GLU A 38 -6.33 5.78 -11.60
N HIS A 39 -6.87 6.25 -10.47
CA HIS A 39 -6.08 6.46 -9.27
C HIS A 39 -6.78 5.86 -8.04
N PRO A 40 -6.90 4.52 -8.02
CA PRO A 40 -7.60 3.83 -6.93
C PRO A 40 -6.91 4.06 -5.60
N ASP A 41 -7.67 4.03 -4.51
CA ASP A 41 -7.08 4.05 -3.18
C ASP A 41 -6.31 2.76 -2.97
N LYS A 42 -5.18 2.84 -2.27
CA LYS A 42 -4.38 1.67 -1.95
C LYS A 42 -4.02 0.82 -3.17
N LEU A 43 -3.73 1.46 -4.31
CA LEU A 43 -3.52 0.71 -5.55
C LEU A 43 -2.33 -0.24 -5.44
N GLU A 44 -1.37 0.12 -4.59
CA GLU A 44 -0.16 -0.69 -4.43
C GLU A 44 -0.41 -1.97 -3.63
N GLU A 45 -1.48 -1.97 -2.83
CA GLU A 45 -1.97 -3.17 -2.16
C GLU A 45 -2.99 -3.92 -3.00
N LYS A 46 -3.81 -3.18 -3.75
CA LYS A 46 -4.78 -3.79 -4.65
C LYS A 46 -4.13 -4.54 -5.82
N PHE A 47 -3.04 -3.97 -6.35
CA PHE A 47 -2.41 -4.55 -7.53
C PHE A 47 -2.01 -6.02 -7.33
N PRO A 48 -1.27 -6.33 -6.27
CA PRO A 48 -0.86 -7.72 -6.06
C PRO A 48 -2.06 -8.65 -5.84
N GLN A 49 -3.19 -8.11 -5.40
CA GLN A 49 -4.39 -8.91 -5.20
C GLN A 49 -5.08 -9.25 -6.52
N VAL A 50 -5.27 -8.24 -7.36
CA VAL A 50 -6.01 -8.44 -8.60
C VAL A 50 -5.13 -9.03 -9.69
N ALA A 51 -3.87 -8.63 -9.71
CA ALA A 51 -2.94 -9.13 -10.71
C ALA A 51 -2.62 -10.61 -10.49
N ALA A 52 -2.69 -11.04 -9.24
CA ALA A 52 -2.40 -12.43 -8.91
C ALA A 52 -3.43 -13.37 -9.52
N THR A 53 -4.60 -12.84 -9.84
CA THR A 53 -5.64 -13.64 -10.49
C THR A 53 -5.78 -13.32 -11.98
N GLY A 54 -4.84 -12.54 -12.50
CA GLY A 54 -4.81 -12.22 -13.92
C GLY A 54 -5.63 -11.00 -14.30
N ASP A 55 -6.00 -10.20 -13.30
CA ASP A 55 -6.77 -8.99 -13.54
C ASP A 55 -5.90 -7.78 -13.25
N GLY A 56 -6.52 -6.61 -13.17
CA GLY A 56 -5.79 -5.39 -12.86
C GLY A 56 -5.54 -4.50 -14.06
N PRO A 57 -4.70 -3.47 -13.87
CA PRO A 57 -4.35 -2.53 -14.94
C PRO A 57 -3.32 -3.15 -15.87
N ASP A 58 -3.19 -2.61 -17.09
CA ASP A 58 -2.09 -3.00 -17.96
C ASP A 58 -0.78 -2.44 -17.44
N ILE A 59 -0.84 -1.23 -16.89
CA ILE A 59 0.36 -0.54 -16.43
C ILE A 59 0.12 -0.02 -15.02
N ILE A 60 1.10 -0.24 -14.14
CA ILE A 60 1.04 0.26 -12.77
C ILE A 60 2.20 1.19 -12.49
N PHE A 61 1.89 2.38 -11.96
CA PHE A 61 2.92 3.34 -11.53
C PHE A 61 3.03 3.33 -10.01
N TRP A 62 4.27 3.23 -9.52
CA TRP A 62 4.57 3.43 -8.10
C TRP A 62 6.07 3.68 -7.98
N ALA A 63 6.53 4.11 -6.80
CA ALA A 63 7.97 4.12 -6.58
C ALA A 63 8.52 2.70 -6.68
N HIS A 64 9.79 2.61 -7.02
CA HIS A 64 10.41 1.34 -7.38
C HIS A 64 10.47 0.34 -6.20
N ASP A 65 10.30 0.83 -4.98
CA ASP A 65 10.47 -0.06 -3.84
C ASP A 65 9.48 -1.22 -3.81
N ARG A 66 8.29 -1.01 -4.38
CA ARG A 66 7.25 -2.05 -4.38
C ARG A 66 7.50 -3.12 -5.44
N PHE A 67 8.34 -2.83 -6.42
CA PHE A 67 8.39 -3.65 -7.63
C PHE A 67 9.11 -4.98 -7.49
N GLY A 68 10.10 -5.07 -6.60
CA GLY A 68 10.75 -6.35 -6.36
C GLY A 68 9.76 -7.39 -5.88
N GLY A 69 8.88 -6.99 -4.95
CA GLY A 69 7.87 -7.90 -4.46
C GLY A 69 6.92 -8.34 -5.56
N TYR A 70 6.50 -7.41 -6.42
CA TYR A 70 5.62 -7.79 -7.52
C TYR A 70 6.33 -8.77 -8.45
N ALA A 71 7.60 -8.49 -8.74
CA ALA A 71 8.39 -9.31 -9.65
C ALA A 71 8.60 -10.71 -9.08
N GLN A 72 8.89 -10.79 -7.79
CA GLN A 72 9.11 -12.07 -7.13
C GLN A 72 7.86 -12.95 -7.23
N SER A 73 6.70 -12.32 -7.22
CA SER A 73 5.41 -13.01 -7.31
C SER A 73 5.00 -13.28 -8.75
N GLY A 74 5.84 -12.87 -9.70
CA GLY A 74 5.57 -13.09 -11.11
C GLY A 74 4.47 -12.22 -11.71
N LEU A 75 4.28 -11.03 -11.15
CA LEU A 75 3.18 -10.17 -11.56
C LEU A 75 3.56 -9.17 -12.66
N LEU A 76 4.85 -9.09 -12.96
CA LEU A 76 5.34 -8.11 -13.92
C LEU A 76 5.95 -8.77 -15.16
N ALA A 77 5.74 -8.15 -16.30
CA ALA A 77 6.42 -8.56 -17.52
C ALA A 77 7.84 -8.00 -17.50
N GLU A 78 8.81 -8.77 -18.00
CA GLU A 78 10.14 -8.21 -18.20
C GLU A 78 10.01 -7.23 -19.37
N ILE A 79 10.53 -6.02 -19.22
CA ILE A 79 10.42 -5.04 -20.29
C ILE A 79 11.55 -5.22 -21.31
N THR A 80 11.35 -4.74 -22.52
CA THR A 80 12.32 -4.99 -23.57
C THR A 80 12.85 -3.76 -24.32
N PRO A 81 13.22 -2.69 -23.59
CA PRO A 81 13.76 -1.53 -24.29
C PRO A 81 15.09 -1.88 -24.95
N ASP A 82 15.37 -1.37 -26.14
CA ASP A 82 16.69 -1.62 -26.71
C ASP A 82 17.74 -0.73 -26.05
N LYS A 83 19.00 -1.01 -26.36
CA LYS A 83 20.10 -0.31 -25.68
C LYS A 83 20.06 1.18 -26.00
N ALA A 84 19.65 1.53 -27.22
CA ALA A 84 19.54 2.93 -27.58
C ALA A 84 18.51 3.66 -26.72
N PHE A 85 17.41 2.99 -26.41
CA PHE A 85 16.43 3.58 -25.49
C PHE A 85 17.00 3.66 -24.08
N GLN A 86 17.64 2.58 -23.63
CA GLN A 86 18.22 2.59 -22.28
C GLN A 86 19.19 3.75 -22.10
N ASP A 87 20.00 4.03 -23.12
CA ASP A 87 21.00 5.08 -23.04
C ASP A 87 20.40 6.48 -22.91
N LYS A 88 19.08 6.61 -23.15
CA LYS A 88 18.41 7.90 -22.99
C LYS A 88 18.03 8.21 -21.54
N LEU A 89 18.12 7.22 -20.66
CA LEU A 89 17.79 7.42 -19.24
C LEU A 89 19.03 7.26 -18.35
N TYR A 90 19.02 7.87 -17.17
CA TYR A 90 20.19 7.76 -16.30
C TYR A 90 20.41 6.36 -15.78
N PRO A 91 21.66 5.88 -15.80
CA PRO A 91 21.95 4.52 -15.34
C PRO A 91 21.44 4.21 -13.93
N PHE A 92 21.60 5.13 -12.97
CA PHE A 92 21.14 4.79 -11.63
C PHE A 92 19.63 4.56 -11.55
N THR A 93 18.88 5.15 -12.48
CA THR A 93 17.44 4.91 -12.50
C THR A 93 17.12 3.50 -13.00
N TRP A 94 17.85 3.03 -13.99
CA TRP A 94 17.67 1.64 -14.42
C TRP A 94 18.04 0.64 -13.31
N ASP A 95 19.07 0.97 -12.52
CA ASP A 95 19.47 0.07 -11.44
C ASP A 95 18.33 -0.11 -10.45
N ALA A 96 17.55 0.95 -10.25
CA ALA A 96 16.45 0.91 -9.29
C ALA A 96 15.34 -0.05 -9.70
N VAL A 97 15.23 -0.34 -10.99
CA VAL A 97 14.18 -1.19 -11.52
C VAL A 97 14.71 -2.51 -12.07
N ARG A 98 15.92 -2.88 -11.63
CA ARG A 98 16.48 -4.18 -11.96
C ARG A 98 16.26 -5.12 -10.79
N TYR A 99 15.70 -6.30 -11.09
CA TYR A 99 15.45 -7.29 -10.05
C TYR A 99 15.89 -8.66 -10.55
N ASN A 100 16.78 -9.30 -9.79
CA ASN A 100 17.35 -10.59 -10.17
C ASN A 100 17.87 -10.57 -11.61
N GLY A 101 18.53 -9.46 -11.96
CA GLY A 101 19.18 -9.31 -13.25
C GLY A 101 18.30 -8.85 -14.40
N LYS A 102 17.00 -8.68 -14.14
CA LYS A 102 16.06 -8.31 -15.19
C LYS A 102 15.46 -6.93 -14.96
N LEU A 103 15.27 -6.16 -16.03
CA LEU A 103 14.53 -4.90 -15.93
C LEU A 103 13.03 -5.21 -15.84
N ILE A 104 12.40 -4.71 -14.78
CA ILE A 104 11.00 -5.03 -14.55
C ILE A 104 10.07 -3.83 -14.51
N ALA A 105 10.60 -2.66 -14.89
CA ALA A 105 9.78 -1.45 -14.99
C ALA A 105 10.56 -0.36 -15.70
N TYR A 106 9.83 0.63 -16.23
CA TYR A 106 10.45 1.81 -16.80
C TYR A 106 10.56 2.88 -15.73
N PRO A 107 11.77 3.43 -15.52
CA PRO A 107 11.91 4.55 -14.58
C PRO A 107 11.36 5.83 -15.19
N ILE A 108 10.70 6.65 -14.36
CA ILE A 108 10.10 7.87 -14.84
C ILE A 108 10.76 9.09 -14.21
N ALA A 109 10.93 9.08 -12.90
CA ALA A 109 11.43 10.28 -12.22
C ALA A 109 11.95 9.96 -10.84
N VAL A 110 12.89 10.79 -10.40
CA VAL A 110 13.55 10.59 -9.11
C VAL A 110 12.99 11.59 -8.12
N GLU A 111 12.52 11.04 -6.99
CA GLU A 111 11.84 11.82 -5.94
C GLU A 111 12.61 11.78 -4.65
N ALA A 112 12.61 12.90 -3.93
CA ALA A 112 13.02 12.93 -2.52
C ALA A 112 12.25 14.06 -1.84
N LEU A 113 12.06 13.92 -0.53
CA LEU A 113 11.43 14.96 0.28
C LEU A 113 12.39 16.12 0.49
N SER A 114 11.82 17.33 0.56
CA SER A 114 12.58 18.53 0.96
C SER A 114 11.84 19.29 2.03
N LEU A 115 12.53 20.23 2.66
CA LEU A 115 11.87 21.19 3.55
C LEU A 115 11.27 22.30 2.71
N ILE A 116 9.98 22.55 2.90
CA ILE A 116 9.27 23.60 2.15
C ILE A 116 8.92 24.65 3.19
N TYR A 117 9.23 25.91 2.92
CA TYR A 117 9.01 26.93 3.92
C TYR A 117 8.36 28.18 3.34
N ASN A 118 7.68 28.90 4.21
CA ASN A 118 6.97 30.12 3.83
C ASN A 118 7.93 31.28 4.04
N LYS A 119 8.35 31.92 2.95
CA LYS A 119 9.37 32.95 3.00
C LYS A 119 8.88 34.22 3.69
N ASP A 120 7.57 34.37 3.79
CA ASP A 120 7.01 35.55 4.45
C ASP A 120 7.00 35.40 5.97
N LEU A 121 7.03 34.16 6.45
CA LEU A 121 7.06 33.91 7.89
C LEU A 121 8.46 33.62 8.40
N LEU A 122 9.28 33.11 7.52
CA LEU A 122 10.51 32.47 7.90
C LEU A 122 11.50 32.68 6.79
N PRO A 123 12.19 33.83 6.81
CA PRO A 123 13.09 34.21 5.73
C PRO A 123 14.30 33.30 5.67
N ASN A 124 14.90 33.03 6.82
CA ASN A 124 15.95 32.03 6.89
C ASN A 124 15.44 30.78 7.57
N PRO A 125 15.26 29.71 6.79
CA PRO A 125 14.77 28.45 7.37
C PRO A 125 15.80 27.85 8.32
N PRO A 126 15.34 27.08 9.30
CA PRO A 126 16.23 26.47 10.29
C PRO A 126 17.14 25.43 9.65
N LYS A 127 18.40 25.45 10.05
CA LYS A 127 19.37 24.49 9.55
C LYS A 127 19.33 23.19 10.35
N THR A 128 18.79 23.26 11.57
CA THR A 128 18.78 22.09 12.46
C THR A 128 17.36 21.76 12.95
N TRP A 129 17.10 20.48 13.21
CA TRP A 129 15.87 20.06 13.86
C TRP A 129 15.79 20.63 15.27
N GLU A 130 16.95 20.70 15.93
CA GLU A 130 17.01 21.10 17.33
C GLU A 130 16.49 22.51 17.58
N GLU A 131 16.56 23.39 16.58
CA GLU A 131 16.09 24.76 16.78
C GLU A 131 14.60 24.92 16.53
N ILE A 132 13.93 23.86 16.09
CA ILE A 132 12.51 23.98 15.76
C ILE A 132 11.57 24.23 16.96
N PRO A 133 11.81 23.59 18.12
CA PRO A 133 10.95 23.92 19.27
C PRO A 133 10.97 25.41 19.61
N ALA A 134 12.15 26.04 19.62
CA ALA A 134 12.20 27.47 19.94
C ALA A 134 11.53 28.30 18.84
N LEU A 135 11.67 27.87 17.59
CA LEU A 135 11.04 28.59 16.48
C LEU A 135 9.52 28.51 16.62
N ASP A 136 9.02 27.34 16.97
CA ASP A 136 7.59 27.17 17.18
C ASP A 136 7.09 28.08 18.30
N LYS A 137 7.82 28.18 19.39
CA LYS A 137 7.43 29.08 20.47
C LYS A 137 7.29 30.52 19.95
N GLU A 138 8.25 30.97 19.14
CA GLU A 138 8.20 32.31 18.56
C GLU A 138 6.97 32.49 17.69
N LEU A 139 6.71 31.50 16.83
CA LEU A 139 5.61 31.62 15.89
C LEU A 139 4.25 31.52 16.57
N LYS A 140 4.14 30.70 17.60
CA LYS A 140 2.89 30.58 18.35
C LYS A 140 2.52 31.92 18.97
N ALA A 141 3.52 32.68 19.41
CA ALA A 141 3.28 34.01 19.96
C ALA A 141 2.71 34.99 18.93
N LYS A 142 2.88 34.64 17.65
CA LYS A 142 2.38 35.43 16.51
C LYS A 142 1.15 34.77 15.87
N GLY A 143 0.59 33.77 16.53
CA GLY A 143 -0.61 33.11 16.03
C GLY A 143 -0.39 32.10 14.91
N LYS A 144 0.84 31.60 14.80
CA LYS A 144 1.21 30.64 13.77
C LYS A 144 1.86 29.41 14.40
N SER A 145 2.45 28.54 13.59
CA SER A 145 3.21 27.42 14.12
C SER A 145 4.38 27.18 13.19
N ALA A 146 5.38 26.44 13.66
CA ALA A 146 6.59 26.21 12.87
C ALA A 146 6.45 25.16 11.78
N LEU A 147 5.91 23.99 12.11
CA LEU A 147 6.04 22.84 11.21
C LEU A 147 4.86 21.90 11.27
N MET A 148 4.33 21.54 10.10
CA MET A 148 3.32 20.50 10.00
C MET A 148 3.63 19.64 8.81
N PHE A 149 3.63 18.33 9.02
CA PHE A 149 3.81 17.38 7.93
C PHE A 149 3.15 16.06 8.27
N ASN A 150 3.00 15.20 7.26
CA ASN A 150 2.27 13.95 7.41
C ASN A 150 2.93 13.01 8.40
N LEU A 151 2.28 12.77 9.53
CA LEU A 151 2.84 11.87 10.53
C LEU A 151 2.24 10.47 10.48
N GLN A 152 1.45 10.19 9.45
CA GLN A 152 0.79 8.88 9.35
C GLN A 152 1.58 7.89 8.50
N GLU A 153 2.42 8.41 7.62
CA GLU A 153 3.20 7.58 6.70
C GLU A 153 4.67 7.66 7.02
N PRO A 154 5.32 6.51 7.23
CA PRO A 154 6.72 6.52 7.68
C PRO A 154 7.71 7.11 6.66
N TYR A 155 7.30 7.22 5.40
CA TYR A 155 8.13 7.90 4.41
C TYR A 155 8.54 9.28 4.89
N PHE A 156 7.63 9.99 5.57
CA PHE A 156 7.89 11.38 5.94
C PHE A 156 8.69 11.54 7.22
N THR A 157 8.63 10.53 8.10
CA THR A 157 9.35 10.60 9.37
C THR A 157 10.72 9.91 9.26
N TRP A 158 10.88 9.02 8.29
CA TRP A 158 12.14 8.32 8.08
C TRP A 158 13.39 9.21 7.97
N PRO A 159 13.29 10.37 7.29
CA PRO A 159 14.53 11.15 7.14
C PRO A 159 15.16 11.51 8.49
N LEU A 160 14.34 11.77 9.49
CA LEU A 160 14.81 12.10 10.83
C LEU A 160 15.25 10.85 11.58
N ILE A 161 14.51 9.75 11.44
CA ILE A 161 14.89 8.49 12.07
C ILE A 161 16.25 7.99 11.57
N ALA A 162 16.51 8.15 10.28
CA ALA A 162 17.76 7.69 9.68
C ALA A 162 18.95 8.59 10.00
N ALA A 163 18.70 9.85 10.31
CA ALA A 163 19.78 10.85 10.38
C ALA A 163 20.94 10.40 11.26
N ASP A 164 20.61 9.96 12.47
CA ASP A 164 21.63 9.61 13.46
C ASP A 164 22.01 8.13 13.45
N GLY A 165 21.50 7.37 12.49
CA GLY A 165 21.99 6.02 12.34
C GLY A 165 20.98 4.95 11.98
N GLY A 166 19.70 5.27 11.96
CA GLY A 166 18.73 4.29 11.50
C GLY A 166 18.92 3.92 10.04
N TYR A 167 18.58 2.68 9.71
CA TYR A 167 18.60 2.22 8.31
C TYR A 167 17.61 1.07 8.15
N ALA A 168 17.25 0.79 6.91
CA ALA A 168 16.34 -0.31 6.62
C ALA A 168 17.14 -1.61 6.56
N PHE A 169 17.82 -1.86 5.45
CA PHE A 169 18.64 -3.05 5.30
C PHE A 169 20.07 -2.67 4.95
N LYS A 170 21.03 -3.33 5.58
CA LYS A 170 22.44 -3.06 5.30
C LYS A 170 22.80 -3.52 3.89
N TYR A 171 23.51 -2.68 3.14
CA TYR A 171 23.96 -3.00 1.79
C TYR A 171 25.46 -3.20 1.81
N GLU A 172 25.90 -4.37 1.34
CA GLU A 172 27.32 -4.68 1.31
C GLU A 172 27.54 -5.76 0.28
N ASN A 173 28.66 -5.72 -0.45
CA ASN A 173 28.94 -6.70 -1.49
C ASN A 173 27.85 -6.77 -2.55
N GLY A 174 27.22 -5.63 -2.81
CA GLY A 174 26.21 -5.55 -3.85
C GLY A 174 24.88 -6.19 -3.48
N LYS A 175 24.72 -6.51 -2.19
CA LYS A 175 23.47 -7.17 -1.76
C LYS A 175 22.96 -6.64 -0.44
N TYR A 176 21.64 -6.68 -0.27
CA TYR A 176 21.03 -6.34 1.02
C TYR A 176 20.96 -7.56 1.92
N ASP A 177 21.41 -7.39 3.16
CA ASP A 177 21.32 -8.45 4.15
C ASP A 177 19.96 -8.33 4.83
N ILE A 178 19.06 -9.26 4.51
CA ILE A 178 17.69 -9.15 5.02
C ILE A 178 17.58 -9.32 6.54
N LYS A 179 18.66 -9.79 7.17
CA LYS A 179 18.66 -9.94 8.62
C LYS A 179 19.35 -8.78 9.34
N ASP A 180 19.99 -7.89 8.59
CA ASP A 180 20.67 -6.75 9.18
C ASP A 180 19.82 -5.50 8.98
N VAL A 181 18.94 -5.28 9.95
CA VAL A 181 17.94 -4.22 9.88
C VAL A 181 18.29 -3.17 10.94
N GLY A 182 18.12 -1.90 10.60
CA GLY A 182 18.59 -0.84 11.48
C GLY A 182 17.46 0.00 12.05
N VAL A 183 16.40 -0.68 12.50
CA VAL A 183 15.20 -0.02 12.98
C VAL A 183 15.21 0.27 14.49
N ASP A 184 15.89 -0.56 15.27
CA ASP A 184 15.93 -0.33 16.72
C ASP A 184 17.32 -0.01 17.27
N ASN A 185 18.20 0.49 16.42
CA ASN A 185 19.52 0.93 16.88
C ASN A 185 19.47 2.31 17.56
N ALA A 186 20.59 2.73 18.12
CA ALA A 186 20.62 3.97 18.90
C ALA A 186 20.21 5.16 18.06
N GLY A 187 20.62 5.17 16.80
CA GLY A 187 20.31 6.29 15.92
C GLY A 187 18.83 6.42 15.62
N ALA A 188 18.19 5.30 15.32
CA ALA A 188 16.76 5.31 15.06
C ALA A 188 16.01 5.76 16.31
N LYS A 189 16.41 5.24 17.46
CA LYS A 189 15.79 5.61 18.73
C LYS A 189 15.93 7.11 19.00
N ALA A 190 17.10 7.66 18.70
CA ALA A 190 17.31 9.09 18.94
C ALA A 190 16.37 9.92 18.09
N GLY A 191 16.25 9.55 16.82
CA GLY A 191 15.43 10.32 15.90
C GLY A 191 13.95 10.25 16.25
N LEU A 192 13.46 9.04 16.54
CA LEU A 192 12.06 8.89 16.87
C LEU A 192 11.76 9.54 18.21
N THR A 193 12.70 9.48 19.16
CA THR A 193 12.51 10.19 20.42
C THR A 193 12.38 11.69 20.20
N PHE A 194 13.16 12.25 19.28
CA PHE A 194 13.04 13.68 19.01
C PHE A 194 11.66 14.00 18.45
N LEU A 195 11.19 13.18 17.52
CA LEU A 195 9.87 13.38 16.94
C LEU A 195 8.79 13.32 18.00
N VAL A 196 8.85 12.30 18.85
CA VAL A 196 7.84 12.14 19.90
C VAL A 196 7.87 13.30 20.88
N ASP A 197 9.06 13.82 21.20
CA ASP A 197 9.17 14.97 22.08
C ASP A 197 8.50 16.20 21.46
N LEU A 198 8.62 16.38 20.14
CA LEU A 198 7.93 17.48 19.48
C LEU A 198 6.43 17.39 19.73
N ILE A 199 5.89 16.19 19.69
CA ILE A 199 4.47 15.97 19.89
C ILE A 199 4.08 16.15 21.37
N LYS A 200 4.87 15.58 22.27
CA LYS A 200 4.64 15.77 23.71
C LYS A 200 4.58 17.25 24.07
N ASN A 201 5.47 18.03 23.47
CA ASN A 201 5.56 19.45 23.76
C ASN A 201 4.60 20.29 22.93
N LYS A 202 3.74 19.63 22.16
CA LYS A 202 2.69 20.28 21.38
C LYS A 202 3.21 21.18 20.24
N HIS A 203 4.43 20.92 19.80
CA HIS A 203 4.91 21.56 18.57
C HIS A 203 4.36 20.85 17.35
N MET A 204 3.96 19.60 17.50
CA MET A 204 3.23 18.88 16.46
C MET A 204 2.12 18.04 17.09
N ASN A 205 1.21 17.56 16.25
CA ASN A 205 0.03 16.80 16.66
C ASN A 205 0.07 15.44 15.98
N ALA A 206 -0.02 14.36 16.76
CA ALA A 206 0.09 13.01 16.22
C ALA A 206 -0.93 12.69 15.13
N ASP A 207 -2.05 13.42 15.10
CA ASP A 207 -3.13 13.13 14.16
C ASP A 207 -2.92 13.79 12.79
N THR A 208 -1.90 14.62 12.68
CA THR A 208 -1.67 15.33 11.42
C THR A 208 -1.37 14.35 10.30
N ASP A 209 -2.11 14.49 9.21
CA ASP A 209 -1.93 13.64 8.04
C ASP A 209 -1.60 14.49 6.81
N TYR A 210 -1.60 13.89 5.63
CA TYR A 210 -1.20 14.60 4.42
C TYR A 210 -2.11 15.81 4.17
N SER A 211 -3.43 15.58 4.19
CA SER A 211 -4.38 16.64 3.87
C SER A 211 -4.33 17.80 4.87
N ILE A 212 -4.23 17.46 6.15
CA ILE A 212 -4.18 18.48 7.19
C ILE A 212 -2.91 19.35 7.07
N ALA A 213 -1.76 18.72 6.86
CA ALA A 213 -0.51 19.49 6.75
C ALA A 213 -0.51 20.36 5.51
N GLU A 214 -0.99 19.82 4.40
CA GLU A 214 -1.05 20.56 3.15
C GLU A 214 -1.96 21.78 3.27
N ALA A 215 -3.15 21.58 3.84
CA ALA A 215 -4.07 22.69 4.02
C ALA A 215 -3.46 23.80 4.90
N ALA A 216 -2.86 23.40 6.02
CA ALA A 216 -2.28 24.38 6.93
C ALA A 216 -1.16 25.18 6.26
N PHE A 217 -0.26 24.50 5.56
CA PHE A 217 0.81 25.23 4.90
C PHE A 217 0.27 26.16 3.79
N ASN A 218 -0.62 25.62 2.97
CA ASN A 218 -1.12 26.37 1.81
C ASN A 218 -2.04 27.53 2.20
N LYS A 219 -2.54 27.53 3.43
CA LYS A 219 -3.33 28.64 3.95
C LYS A 219 -2.51 29.62 4.78
N GLY A 220 -1.22 29.35 4.89
CA GLY A 220 -0.30 30.25 5.57
C GLY A 220 -0.34 30.15 7.09
N GLU A 221 -0.81 29.02 7.61
CA GLU A 221 -0.95 28.83 9.05
C GLU A 221 0.31 28.31 9.73
N THR A 222 1.10 27.55 8.99
CA THR A 222 2.34 26.98 9.52
C THR A 222 3.51 27.37 8.62
N ALA A 223 4.69 27.58 9.21
CA ALA A 223 5.81 28.15 8.45
C ALA A 223 6.55 27.14 7.58
N MET A 224 6.40 25.85 7.87
CA MET A 224 7.17 24.82 7.16
C MET A 224 6.35 23.56 7.01
N THR A 225 6.67 22.82 5.95
CA THR A 225 6.18 21.47 5.78
C THR A 225 7.28 20.62 5.15
N ILE A 226 7.05 19.32 5.05
CA ILE A 226 7.99 18.41 4.42
C ILE A 226 7.19 17.66 3.37
N ASN A 227 7.63 17.74 2.13
CA ASN A 227 6.87 17.12 1.05
C ASN A 227 7.73 16.99 -0.18
N GLY A 228 7.19 16.34 -1.20
CA GLY A 228 7.92 16.07 -2.42
C GLY A 228 7.45 16.96 -3.56
N PRO A 229 8.06 16.79 -4.74
CA PRO A 229 7.78 17.69 -5.86
C PRO A 229 6.32 17.72 -6.29
N TRP A 230 5.61 16.62 -6.12
CA TRP A 230 4.20 16.55 -6.52
C TRP A 230 3.34 17.61 -5.80
N ALA A 231 3.80 18.08 -4.65
CA ALA A 231 3.04 19.03 -3.84
C ALA A 231 3.18 20.48 -4.32
N TRP A 232 4.16 20.75 -5.18
CA TRP A 232 4.44 22.15 -5.52
C TRP A 232 3.30 22.83 -6.29
N SER A 233 2.57 22.09 -7.11
CA SER A 233 1.54 22.76 -7.89
C SER A 233 0.43 23.33 -7.01
N ASN A 234 0.01 22.60 -5.98
CA ASN A 234 -1.00 23.14 -5.07
C ASN A 234 -0.49 24.36 -4.30
N ILE A 235 0.81 24.38 -3.98
CA ILE A 235 1.35 25.56 -3.30
C ILE A 235 1.35 26.76 -4.26
N ASP A 236 1.67 26.51 -5.53
CA ASP A 236 1.63 27.56 -6.54
C ASP A 236 0.24 28.19 -6.60
N THR A 237 -0.78 27.34 -6.61
CA THR A 237 -2.17 27.80 -6.66
C THR A 237 -2.55 28.64 -5.44
N SER A 238 -2.00 28.29 -4.29
CA SER A 238 -2.33 28.95 -3.02
C SER A 238 -1.74 30.34 -2.92
N LYS A 239 -0.73 30.61 -3.74
CA LYS A 239 -0.04 31.90 -3.79
C LYS A 239 0.90 32.12 -2.60
N VAL A 240 1.09 31.11 -1.77
CA VAL A 240 2.08 31.23 -0.68
C VAL A 240 3.46 31.45 -1.30
N ASN A 241 4.21 32.38 -0.73
CA ASN A 241 5.57 32.64 -1.18
C ASN A 241 6.49 31.61 -0.54
N TYR A 242 6.77 30.53 -1.26
CA TYR A 242 7.50 29.41 -0.67
C TYR A 242 8.89 29.17 -1.23
N GLY A 243 9.74 28.55 -0.42
CA GLY A 243 11.04 28.06 -0.85
C GLY A 243 11.13 26.56 -0.61
N VAL A 244 12.02 25.90 -1.33
CA VAL A 244 12.27 24.48 -1.19
C VAL A 244 13.77 24.33 -0.89
N THR A 245 14.11 23.65 0.18
CA THR A 245 15.49 23.68 0.64
C THR A 245 15.91 22.38 1.32
N VAL A 246 17.18 22.33 1.72
CA VAL A 246 17.72 21.16 2.39
C VAL A 246 16.98 20.90 3.71
N LEU A 247 16.71 19.63 4.00
CA LEU A 247 16.11 19.27 5.28
C LEU A 247 17.02 19.66 6.45
N PRO A 248 16.43 19.92 7.63
CA PRO A 248 17.30 20.25 8.78
C PRO A 248 18.19 19.07 9.16
N THR A 249 19.33 19.37 9.76
CA THR A 249 20.21 18.32 10.29
C THR A 249 19.72 17.87 11.67
N PHE A 250 20.16 16.68 12.09
CA PHE A 250 19.85 16.20 13.44
C PHE A 250 21.14 15.67 14.03
N LYS A 251 21.46 16.14 15.23
CA LYS A 251 22.73 15.81 15.89
C LYS A 251 23.89 16.08 14.92
N GLY A 252 23.73 17.14 14.15
CA GLY A 252 24.77 17.61 13.25
C GLY A 252 24.92 16.84 11.94
N GLN A 253 24.02 15.89 11.70
CA GLN A 253 24.07 15.01 10.54
C GLN A 253 22.87 15.27 9.63
N PRO A 254 23.04 15.11 8.31
CA PRO A 254 21.90 15.41 7.42
C PRO A 254 20.70 14.49 7.67
N SER A 255 19.51 15.01 7.47
CA SER A 255 18.36 14.12 7.34
C SER A 255 18.57 13.29 6.09
N LYS A 256 18.14 12.04 6.13
CA LYS A 256 18.40 11.11 5.04
C LYS A 256 17.10 10.59 4.45
N PRO A 257 16.51 11.36 3.53
CA PRO A 257 15.25 10.89 2.95
C PRO A 257 15.51 9.68 2.05
N PHE A 258 14.54 8.79 1.96
CA PHE A 258 14.64 7.72 0.98
C PHE A 258 14.44 8.30 -0.41
N VAL A 259 15.19 7.77 -1.36
CA VAL A 259 15.04 8.22 -2.74
C VAL A 259 14.19 7.21 -3.48
N GLY A 260 13.08 7.69 -4.05
CA GLY A 260 12.17 6.85 -4.78
C GLY A 260 12.22 7.14 -6.26
N VAL A 261 12.21 6.10 -7.08
CA VAL A 261 12.13 6.29 -8.52
C VAL A 261 10.71 5.92 -8.95
N LEU A 262 9.91 6.92 -9.31
CA LEU A 262 8.58 6.63 -9.85
C LEU A 262 8.81 5.80 -11.08
N SER A 263 8.13 4.65 -11.15
CA SER A 263 8.38 3.66 -12.20
C SER A 263 7.07 3.11 -12.72
N ALA A 264 7.11 2.61 -13.97
CA ALA A 264 5.93 2.08 -14.63
C ALA A 264 6.16 0.62 -15.01
N GLY A 265 5.38 -0.27 -14.41
CA GLY A 265 5.49 -1.69 -14.69
C GLY A 265 4.35 -2.16 -15.58
N ILE A 266 4.60 -3.22 -16.34
CA ILE A 266 3.58 -3.81 -17.18
C ILE A 266 3.08 -5.12 -16.55
N ASN A 267 1.75 -5.22 -16.42
CA ASN A 267 1.12 -6.39 -15.81
C ASN A 267 1.46 -7.64 -16.63
N ALA A 268 1.97 -8.68 -15.96
CA ALA A 268 2.33 -9.92 -16.65
C ALA A 268 1.13 -10.53 -17.34
N ALA A 269 -0.07 -10.19 -16.88
CA ALA A 269 -1.30 -10.77 -17.41
C ALA A 269 -1.91 -9.91 -18.52
N SER A 270 -1.28 -8.80 -18.83
CA SER A 270 -1.80 -7.91 -19.88
C SER A 270 -1.68 -8.53 -21.26
N PRO A 271 -2.78 -8.49 -22.04
CA PRO A 271 -2.71 -8.91 -23.44
C PRO A 271 -2.29 -7.74 -24.33
N ASN A 272 -1.89 -6.63 -23.70
CA ASN A 272 -1.55 -5.41 -24.41
C ASN A 272 -0.11 -4.97 -24.19
N LYS A 273 0.80 -5.93 -24.04
CA LYS A 273 2.17 -5.60 -23.67
C LYS A 273 2.88 -4.76 -24.71
N GLU A 274 2.61 -4.99 -26.00
CA GLU A 274 3.28 -4.20 -27.02
C GLU A 274 2.72 -2.78 -27.07
N LEU A 275 1.40 -2.64 -26.90
CA LEU A 275 0.83 -1.29 -26.79
C LEU A 275 1.41 -0.54 -25.59
N ALA A 276 1.56 -1.24 -24.47
CA ALA A 276 2.09 -0.62 -23.26
C ALA A 276 3.51 -0.12 -23.51
N LYS A 277 4.32 -0.94 -24.18
CA LYS A 277 5.68 -0.57 -24.53
C LYS A 277 5.71 0.68 -25.41
N GLU A 278 4.86 0.69 -26.44
CA GLU A 278 4.80 1.83 -27.34
C GLU A 278 4.41 3.10 -26.58
N PHE A 279 3.40 2.99 -25.73
CA PHE A 279 2.95 4.14 -24.95
C PHE A 279 4.07 4.66 -24.06
N LEU A 280 4.70 3.76 -23.31
CA LEU A 280 5.69 4.20 -22.33
C LEU A 280 6.96 4.74 -23.00
N GLU A 281 7.45 4.05 -24.03
CA GLU A 281 8.71 4.46 -24.64
C GLU A 281 8.58 5.66 -25.56
N ASN A 282 7.51 5.69 -26.35
CA ASN A 282 7.45 6.64 -27.45
C ASN A 282 6.43 7.76 -27.24
N TYR A 283 5.67 7.68 -26.16
CA TYR A 283 4.74 8.76 -25.80
C TYR A 283 5.06 9.38 -24.46
N LEU A 284 5.16 8.56 -23.41
CA LEU A 284 5.41 9.11 -22.08
C LEU A 284 6.86 9.54 -21.88
N LEU A 285 7.81 8.66 -22.18
CA LEU A 285 9.22 8.95 -21.94
C LEU A 285 9.85 9.76 -23.08
N THR A 286 9.24 10.90 -23.33
CA THR A 286 9.70 11.88 -24.31
C THR A 286 9.62 13.25 -23.64
N ASP A 287 10.28 14.25 -24.22
CA ASP A 287 10.23 15.59 -23.63
C ASP A 287 8.77 16.06 -23.51
N GLU A 288 7.98 15.84 -24.55
CA GLU A 288 6.61 16.33 -24.57
C GLU A 288 5.70 15.55 -23.62
N GLY A 289 5.95 14.26 -23.48
CA GLY A 289 5.16 13.42 -22.58
C GLY A 289 5.41 13.78 -21.12
N LEU A 290 6.68 13.86 -20.75
CA LEU A 290 7.02 14.24 -19.38
C LEU A 290 6.57 15.66 -19.04
N GLU A 291 6.63 16.56 -20.02
CA GLU A 291 6.16 17.92 -19.82
C GLU A 291 4.68 17.94 -19.43
N ALA A 292 3.87 17.13 -20.12
CA ALA A 292 2.44 17.08 -19.86
C ALA A 292 2.14 16.64 -18.44
N VAL A 293 2.83 15.61 -17.98
CA VAL A 293 2.65 15.13 -16.61
C VAL A 293 3.19 16.14 -15.61
N ASN A 294 4.39 16.65 -15.87
CA ASN A 294 5.08 17.57 -14.95
C ASN A 294 4.32 18.88 -14.76
N LYS A 295 3.65 19.34 -15.80
CA LYS A 295 2.84 20.57 -15.71
C LYS A 295 1.62 20.36 -14.83
N ASP A 296 1.17 19.12 -14.72
CA ASP A 296 0.04 18.79 -13.85
C ASP A 296 0.50 18.75 -12.39
N LYS A 297 1.39 17.79 -12.07
CA LYS A 297 2.07 17.74 -10.77
C LYS A 297 3.54 17.47 -11.02
N PRO A 298 4.43 18.31 -10.50
CA PRO A 298 5.86 18.12 -10.81
C PRO A 298 6.41 16.75 -10.42
N LEU A 299 7.25 16.22 -11.30
CA LEU A 299 7.78 14.86 -11.18
C LEU A 299 9.05 14.76 -10.34
N GLY A 300 9.76 15.89 -10.20
CA GLY A 300 11.08 15.88 -9.61
C GLY A 300 12.14 15.94 -10.69
N ALA A 301 13.17 15.10 -10.56
CA ALA A 301 14.24 15.00 -11.56
C ALA A 301 13.96 13.81 -12.46
N VAL A 302 13.50 14.09 -13.66
CA VAL A 302 13.05 13.01 -14.54
C VAL A 302 14.20 12.10 -14.97
N ALA A 303 13.86 10.85 -15.31
CA ALA A 303 14.88 9.87 -15.64
C ALA A 303 15.42 10.10 -17.05
N LEU A 304 14.63 10.76 -17.90
CA LEU A 304 15.02 11.04 -19.28
C LEU A 304 16.01 12.19 -19.32
N LYS A 305 17.23 11.91 -19.77
CA LYS A 305 18.33 12.88 -19.71
C LYS A 305 17.98 14.20 -20.39
N SER A 306 17.43 14.12 -21.60
CA SER A 306 17.17 15.34 -22.37
C SER A 306 16.27 16.30 -21.60
N TYR A 307 15.21 15.77 -21.01
CA TYR A 307 14.26 16.65 -20.34
C TYR A 307 14.75 17.05 -18.95
N GLU A 308 15.49 16.16 -18.30
CA GLU A 308 16.06 16.48 -16.99
C GLU A 308 16.98 17.69 -17.15
N GLU A 309 17.78 17.68 -18.22
CA GLU A 309 18.68 18.79 -18.50
C GLU A 309 17.93 20.10 -18.69
N GLU A 310 16.79 20.04 -19.39
CA GLU A 310 15.99 21.24 -19.61
C GLU A 310 15.45 21.86 -18.32
N LEU A 311 15.10 21.02 -17.35
CA LEU A 311 14.50 21.51 -16.12
C LEU A 311 15.49 21.74 -14.97
N ALA A 312 16.73 21.28 -15.15
CA ALA A 312 17.71 21.24 -14.05
C ALA A 312 17.96 22.60 -13.36
N LYS A 313 17.70 23.70 -14.07
CA LYS A 313 17.96 25.04 -13.55
C LYS A 313 17.00 25.44 -12.43
N ASP A 314 15.91 24.71 -12.28
CA ASP A 314 14.89 24.98 -11.26
C ASP A 314 15.48 24.73 -9.88
N PRO A 315 15.58 25.78 -9.05
CA PRO A 315 16.19 25.56 -7.72
C PRO A 315 15.43 24.57 -6.85
N ARG A 316 14.15 24.36 -7.10
CA ARG A 316 13.37 23.39 -6.32
C ARG A 316 13.82 21.98 -6.67
N ILE A 317 14.12 21.75 -7.94
CA ILE A 317 14.66 20.46 -8.37
C ILE A 317 16.08 20.28 -7.82
N ALA A 318 16.88 21.34 -7.85
CA ALA A 318 18.22 21.26 -7.27
C ALA A 318 18.17 20.87 -5.78
N ALA A 319 17.24 21.46 -5.03
CA ALA A 319 17.06 21.12 -3.63
C ALA A 319 16.61 19.67 -3.46
N THR A 320 15.72 19.21 -4.34
CA THR A 320 15.28 17.82 -4.31
C THR A 320 16.47 16.89 -4.46
N MET A 321 17.37 17.21 -5.39
CA MET A 321 18.54 16.38 -5.61
C MET A 321 19.58 16.49 -4.49
N GLU A 322 19.69 17.68 -3.90
CA GLU A 322 20.56 17.86 -2.75
C GLU A 322 20.13 16.92 -1.62
N ASN A 323 18.82 16.90 -1.35
CA ASN A 323 18.28 16.03 -0.32
C ASN A 323 18.42 14.56 -0.70
N ALA A 324 18.09 14.22 -1.95
CA ALA A 324 18.24 12.84 -2.42
C ALA A 324 19.65 12.34 -2.18
N GLN A 325 20.62 13.19 -2.49
CA GLN A 325 22.02 12.77 -2.46
C GLN A 325 22.64 12.74 -1.04
N LYS A 326 21.87 13.20 -0.06
CA LYS A 326 22.19 12.99 1.35
C LYS A 326 21.46 11.76 1.91
N GLY A 327 20.51 11.23 1.15
CA GLY A 327 19.76 10.06 1.58
C GLY A 327 20.20 8.77 0.92
N GLU A 328 19.34 7.77 0.98
CA GLU A 328 19.65 6.45 0.42
C GLU A 328 18.61 6.09 -0.62
N ILE A 329 19.02 5.40 -1.67
CA ILE A 329 18.06 4.80 -2.58
C ILE A 329 17.25 3.74 -1.82
N MET A 330 15.95 3.66 -2.07
CA MET A 330 15.18 2.59 -1.48
C MET A 330 15.61 1.26 -2.09
N PRO A 331 15.73 0.22 -1.25
CA PRO A 331 15.87 -1.12 -1.82
C PRO A 331 14.58 -1.45 -2.57
N ASN A 332 14.67 -2.37 -3.53
CA ASN A 332 13.46 -2.86 -4.17
C ASN A 332 13.10 -4.28 -3.76
N ILE A 333 13.81 -4.81 -2.76
CA ILE A 333 13.62 -6.20 -2.37
C ILE A 333 12.23 -6.46 -1.78
N PRO A 334 11.76 -7.70 -1.88
CA PRO A 334 10.41 -8.02 -1.40
C PRO A 334 10.18 -7.67 0.07
N GLN A 335 11.24 -7.70 0.88
CA GLN A 335 11.14 -7.44 2.31
C GLN A 335 10.82 -5.97 2.62
N MET A 336 10.85 -5.11 1.61
CA MET A 336 10.56 -3.69 1.86
C MET A 336 9.13 -3.43 2.37
N SER A 337 8.17 -4.22 1.90
CA SER A 337 6.79 -4.09 2.37
C SER A 337 6.72 -4.29 3.87
N ALA A 338 7.34 -5.36 4.35
CA ALA A 338 7.32 -5.68 5.77
C ALA A 338 8.04 -4.61 6.58
N PHE A 339 9.11 -4.06 6.03
CA PHE A 339 9.81 -2.97 6.68
C PHE A 339 8.89 -1.76 6.83
N TRP A 340 8.23 -1.36 5.75
CA TRP A 340 7.36 -0.17 5.84
C TRP A 340 6.18 -0.37 6.80
N TYR A 341 5.52 -1.52 6.73
CA TYR A 341 4.42 -1.78 7.64
C TYR A 341 4.89 -1.74 9.09
N ALA A 342 6.05 -2.34 9.33
CA ALA A 342 6.59 -2.38 10.70
C ALA A 342 6.89 -0.99 11.24
N VAL A 343 7.54 -0.16 10.43
CA VAL A 343 7.89 1.19 10.86
C VAL A 343 6.66 2.10 10.97
N ARG A 344 5.68 1.92 10.09
CA ARG A 344 4.44 2.70 10.20
C ARG A 344 3.82 2.49 11.58
N THR A 345 3.69 1.23 11.98
CA THR A 345 3.10 0.90 13.28
C THR A 345 3.90 1.51 14.42
N ALA A 346 5.23 1.40 14.34
CA ALA A 346 6.08 1.92 15.39
C ALA A 346 5.90 3.43 15.57
N VAL A 347 5.87 4.17 14.47
CA VAL A 347 5.78 5.62 14.57
C VAL A 347 4.40 6.03 15.10
N ILE A 348 3.35 5.39 14.61
CA ILE A 348 2.00 5.70 15.08
C ILE A 348 1.85 5.39 16.58
N ASN A 349 2.34 4.24 17.04
CA ASN A 349 2.20 3.87 18.44
C ASN A 349 3.05 4.72 19.37
N ALA A 350 4.24 5.11 18.94
CA ALA A 350 5.09 5.95 19.79
C ALA A 350 4.54 7.37 19.83
N ALA A 351 4.11 7.88 18.67
CA ALA A 351 3.60 9.25 18.59
C ALA A 351 2.31 9.45 19.38
N SER A 352 1.55 8.37 19.57
CA SER A 352 0.27 8.43 20.28
C SER A 352 0.46 8.29 21.80
N GLY A 353 1.64 7.86 22.21
CA GLY A 353 1.92 7.65 23.62
C GLY A 353 1.51 6.28 24.14
N ARG A 354 0.99 5.44 23.25
CA ARG A 354 0.56 4.11 23.64
C ARG A 354 1.72 3.14 23.88
N GLN A 355 2.87 3.46 23.30
CA GLN A 355 4.04 2.62 23.49
C GLN A 355 5.27 3.50 23.63
N THR A 356 6.27 3.04 24.39
CA THR A 356 7.53 3.77 24.43
C THR A 356 8.22 3.68 23.06
N VAL A 357 9.07 4.66 22.76
CA VAL A 357 9.87 4.61 21.56
C VAL A 357 10.67 3.30 21.51
N ASP A 358 11.30 2.94 22.62
CA ASP A 358 12.14 1.75 22.63
C ASP A 358 11.33 0.49 22.36
N ALA A 359 10.15 0.39 22.96
CA ALA A 359 9.33 -0.79 22.76
C ALA A 359 8.74 -0.85 21.34
N ALA A 360 8.29 0.29 20.83
CA ALA A 360 7.75 0.36 19.48
C ALA A 360 8.80 -0.06 18.45
N LEU A 361 10.01 0.49 18.57
CA LEU A 361 11.08 0.14 17.62
C LEU A 361 11.59 -1.29 17.79
N ALA A 362 11.62 -1.79 19.02
CA ALA A 362 12.00 -3.17 19.23
C ALA A 362 11.06 -4.12 18.48
N ALA A 363 9.75 -3.85 18.57
CA ALA A 363 8.77 -4.67 17.88
C ALA A 363 8.91 -4.55 16.37
N ALA A 364 9.16 -3.32 15.89
CA ALA A 364 9.30 -3.09 14.46
C ALA A 364 10.52 -3.82 13.89
N GLN A 365 11.63 -3.78 14.63
CA GLN A 365 12.84 -4.49 14.25
C GLN A 365 12.56 -5.98 14.05
N THR A 366 11.88 -6.58 15.02
CA THR A 366 11.56 -7.99 14.96
C THR A 366 10.69 -8.30 13.75
N ASN A 367 9.69 -7.47 13.52
CA ASN A 367 8.78 -7.68 12.39
C ASN A 367 9.49 -7.51 11.04
N ALA A 368 10.31 -6.48 10.92
CA ALA A 368 11.02 -6.22 9.66
C ALA A 368 12.03 -7.31 9.33
N ALA A 369 12.65 -7.89 10.35
CA ALA A 369 13.68 -8.89 10.13
C ALA A 369 13.14 -10.32 10.11
N ALA A 370 11.85 -10.47 10.38
CA ALA A 370 11.24 -11.79 10.47
C ALA A 370 11.31 -12.55 9.15
N ALA A 371 11.54 -13.85 9.23
CA ALA A 371 11.51 -14.69 8.03
C ALA A 371 10.17 -14.54 7.30
N SER A 372 10.22 -14.48 5.99
CA SER A 372 9.02 -14.35 5.20
C SER A 372 8.22 -15.65 5.26
N ALA A 373 6.92 -15.54 5.12
CA ALA A 373 6.04 -16.69 5.07
C ALA A 373 5.15 -16.57 3.86
N GLN A 374 4.88 -17.68 3.20
CA GLN A 374 3.95 -17.66 2.09
C GLN A 374 2.53 -17.71 2.64
N ASN A 375 1.71 -16.73 2.23
CA ASN A 375 0.31 -16.72 2.62
C ASN A 375 -0.49 -17.76 1.85
N ILE A 376 -1.16 -18.62 2.60
CA ILE A 376 -1.98 -19.67 2.04
C ILE A 376 -3.41 -19.47 2.53
N THR A 377 -4.36 -19.62 1.62
CA THR A 377 -5.76 -19.57 2.02
C THR A 377 -6.46 -20.86 1.60
N ALA A 378 -7.41 -21.27 2.43
CA ALA A 378 -8.15 -22.49 2.15
C ALA A 378 -9.58 -22.34 2.65
N ARG A 379 -10.52 -22.95 1.93
CA ARG A 379 -11.91 -22.89 2.29
C ARG A 379 -12.23 -23.92 3.37
N ILE A 380 -12.93 -23.49 4.41
CA ILE A 380 -13.34 -24.37 5.49
C ILE A 380 -14.03 -25.62 4.94
N GLY A 381 -13.57 -26.78 5.38
CA GLY A 381 -14.14 -28.04 4.95
C GLY A 381 -13.42 -28.71 3.80
N GLU A 382 -12.52 -27.98 3.14
CA GLU A 382 -11.79 -28.51 1.98
C GLU A 382 -10.38 -28.93 2.38
N PRO A 383 -9.77 -29.82 1.58
CA PRO A 383 -8.41 -30.26 1.92
C PRO A 383 -7.39 -29.18 1.60
N LEU A 384 -6.22 -29.29 2.23
CA LEU A 384 -5.11 -28.39 1.97
C LEU A 384 -3.83 -29.21 1.95
N VAL A 385 -2.99 -28.96 0.94
CA VAL A 385 -1.69 -29.63 0.80
C VAL A 385 -0.60 -28.57 0.87
N LEU A 386 0.40 -28.79 1.73
CA LEU A 386 1.53 -27.88 1.84
C LEU A 386 2.81 -28.60 1.48
N LYS A 387 3.54 -28.04 0.52
CA LYS A 387 4.76 -28.67 0.02
C LYS A 387 5.92 -28.57 1.03
N CYS A 388 6.69 -29.65 1.18
CA CYS A 388 7.95 -29.56 1.92
C CYS A 388 9.08 -29.41 0.88
N LYS A 389 9.42 -28.17 0.57
CA LYS A 389 10.44 -27.92 -0.46
C LYS A 389 11.77 -28.54 -0.07
N GLY A 390 12.42 -29.18 -1.02
CA GLY A 390 13.68 -29.86 -0.75
C GLY A 390 13.62 -31.33 -0.42
N ALA A 391 12.46 -31.83 -0.02
CA ALA A 391 12.32 -33.25 0.33
C ALA A 391 12.41 -34.13 -0.92
N PRO A 392 13.09 -35.28 -0.80
CA PRO A 392 13.05 -36.28 -1.87
C PRO A 392 11.61 -36.69 -2.15
N LYS A 393 11.36 -37.23 -3.33
CA LYS A 393 9.99 -37.55 -3.73
C LYS A 393 9.39 -38.75 -3.02
N LYS A 394 10.25 -39.60 -2.47
CA LYS A 394 9.82 -40.76 -1.68
C LYS A 394 10.75 -40.95 -0.49
N PRO A 395 10.28 -41.69 0.54
CA PRO A 395 11.13 -42.00 1.69
C PRO A 395 12.33 -42.83 1.22
N PRO A 396 13.43 -42.78 1.96
CA PRO A 396 13.60 -42.04 3.23
C PRO A 396 13.82 -40.55 3.03
N GLN A 397 13.19 -39.76 3.89
CA GLN A 397 13.35 -38.32 3.89
C GLN A 397 13.70 -37.84 5.29
N ARG A 398 14.66 -36.93 5.38
CA ARG A 398 14.97 -36.27 6.64
C ARG A 398 14.24 -34.93 6.64
N LEU A 399 13.07 -34.90 7.27
CA LEU A 399 12.26 -33.70 7.30
C LEU A 399 11.52 -33.60 8.62
N GLU A 400 11.13 -32.38 8.96
CA GLU A 400 10.34 -32.17 10.16
C GLU A 400 9.30 -31.12 9.88
N TRP A 401 8.05 -31.45 10.17
CA TRP A 401 6.94 -30.50 10.12
C TRP A 401 6.61 -30.06 11.53
N LYS A 402 6.38 -28.76 11.69
CA LYS A 402 5.82 -28.28 12.93
C LYS A 402 4.79 -27.20 12.65
N LEU A 403 3.90 -26.98 13.61
CA LEU A 403 2.84 -26.02 13.40
C LEU A 403 2.44 -25.35 14.70
N ASN A 404 1.84 -24.17 14.56
CA ASN A 404 1.39 -23.42 15.71
C ASN A 404 0.05 -22.82 15.30
N THR A 405 -1.04 -23.41 15.79
CA THR A 405 -2.39 -23.06 15.33
C THR A 405 -3.33 -23.03 16.51
N GLY A 406 -4.62 -22.84 16.22
CA GLY A 406 -5.62 -22.91 17.27
C GLY A 406 -5.75 -24.26 17.93
N ARG A 407 -5.22 -25.31 17.31
CA ARG A 407 -5.28 -26.66 17.87
C ARG A 407 -4.13 -26.94 18.82
N THR A 408 -3.13 -26.05 18.85
CA THR A 408 -1.93 -26.27 19.64
C THR A 408 -1.77 -25.14 20.67
N GLU A 409 -1.10 -25.41 21.78
CA GLU A 409 -0.83 -24.34 22.73
C GLU A 409 0.24 -23.41 22.14
N ALA A 410 1.36 -24.01 21.74
CA ALA A 410 2.43 -23.31 21.04
C ALA A 410 2.86 -24.20 19.87
N TRP A 411 4.15 -24.50 19.77
CA TRP A 411 4.63 -25.31 18.64
C TRP A 411 4.44 -26.80 18.85
N LYS A 412 3.85 -27.45 17.85
CA LYS A 412 3.67 -28.89 17.85
C LYS A 412 4.51 -29.47 16.72
N VAL A 413 5.37 -30.42 17.04
CA VAL A 413 6.13 -31.13 16.02
C VAL A 413 5.39 -32.41 15.64
N LEU A 414 5.17 -32.61 14.36
CA LEU A 414 4.46 -33.82 13.92
C LEU A 414 5.38 -35.04 13.77
N SER A 415 4.76 -36.22 13.74
CA SER A 415 5.48 -37.49 13.56
C SER A 415 4.91 -38.21 12.34
N PRO A 416 5.61 -39.26 11.86
CA PRO A 416 5.07 -40.06 10.75
C PRO A 416 3.75 -40.69 11.16
N GLN A 417 2.87 -40.99 10.21
CA GLN A 417 1.56 -41.55 10.52
C GLN A 417 1.68 -42.81 11.40
N GLY A 418 0.86 -42.87 12.46
CA GLY A 418 0.90 -43.99 13.39
C GLY A 418 -0.44 -44.37 13.99
N GLY A 419 -1.52 -43.77 13.49
CA GLY A 419 -2.85 -44.10 13.97
C GLY A 419 -3.34 -43.17 15.06
N GLY A 420 -2.51 -42.21 15.45
CA GLY A 420 -2.88 -41.24 16.47
C GLY A 420 -3.88 -40.25 15.91
N PRO A 421 -4.53 -39.47 16.79
CA PRO A 421 -5.60 -38.59 16.30
C PRO A 421 -5.09 -37.47 15.39
N TRP A 422 -3.84 -37.07 15.52
CA TRP A 422 -3.35 -36.03 14.63
C TRP A 422 -3.37 -36.46 13.17
N ASP A 423 -3.30 -37.76 12.91
CA ASP A 423 -3.24 -38.24 11.53
C ASP A 423 -4.49 -37.90 10.73
N SER A 424 -5.59 -37.69 11.42
CA SER A 424 -6.84 -37.36 10.75
C SER A 424 -6.98 -35.86 10.51
N VAL A 425 -6.05 -35.08 11.06
CA VAL A 425 -6.07 -33.62 10.97
C VAL A 425 -4.96 -33.10 10.06
N ALA A 426 -3.74 -33.60 10.25
CA ALA A 426 -2.61 -33.20 9.44
C ALA A 426 -1.63 -34.35 9.40
N ARG A 427 -1.38 -34.88 8.21
CA ARG A 427 -0.46 -36.02 8.07
C ARG A 427 0.51 -35.84 6.91
N VAL A 428 1.67 -36.49 7.04
CA VAL A 428 2.72 -36.34 6.04
C VAL A 428 2.55 -37.37 4.93
N LEU A 429 2.57 -36.88 3.69
CA LEU A 429 2.37 -37.72 2.50
C LEU A 429 3.68 -38.37 2.01
N PRO A 430 3.58 -39.30 1.04
CA PRO A 430 4.79 -39.94 0.52
C PRO A 430 5.83 -38.94 -0.01
N ASN A 431 5.39 -37.86 -0.64
CA ASN A 431 6.34 -36.90 -1.18
C ASN A 431 6.78 -35.84 -0.15
N GLY A 432 6.38 -36.03 1.10
CA GLY A 432 6.81 -35.14 2.17
C GLY A 432 5.86 -33.99 2.45
N SER A 433 4.88 -33.77 1.58
CA SER A 433 3.91 -32.70 1.80
C SER A 433 3.05 -32.96 3.02
N LEU A 434 2.55 -31.90 3.64
CA LEU A 434 1.59 -32.06 4.73
C LEU A 434 0.19 -31.97 4.16
N PHE A 435 -0.66 -32.91 4.55
CA PHE A 435 -2.04 -32.98 4.05
C PHE A 435 -3.02 -32.79 5.19
N LEU A 436 -3.88 -31.77 5.07
CA LEU A 436 -4.99 -31.57 6.00
C LEU A 436 -6.26 -31.95 5.27
N PRO A 437 -6.93 -33.04 5.68
CA PRO A 437 -8.10 -33.51 4.93
C PRO A 437 -9.27 -32.53 4.87
N ALA A 438 -9.47 -31.72 5.91
CA ALA A 438 -10.62 -30.81 5.94
C ALA A 438 -10.34 -29.65 6.88
N VAL A 439 -9.87 -28.53 6.34
CA VAL A 439 -9.43 -27.45 7.22
C VAL A 439 -10.60 -26.80 7.95
N GLY A 440 -10.31 -26.28 9.14
CA GLY A 440 -11.25 -25.49 9.90
C GLY A 440 -10.60 -24.26 10.50
N ILE A 441 -11.40 -23.45 11.18
CA ILE A 441 -10.93 -22.22 11.78
C ILE A 441 -9.72 -22.45 12.70
N GLN A 442 -9.74 -23.57 13.41
CA GLN A 442 -8.64 -23.82 14.36
C GLN A 442 -7.32 -24.19 13.70
N ASP A 443 -7.32 -24.40 12.39
CA ASP A 443 -6.07 -24.64 11.67
C ASP A 443 -5.34 -23.38 11.23
N GLU A 444 -5.96 -22.22 11.44
CA GLU A 444 -5.27 -20.98 11.13
C GLU A 444 -4.03 -20.83 12.00
N GLY A 445 -2.93 -20.44 11.36
CA GLY A 445 -1.67 -20.31 12.07
C GLY A 445 -0.48 -20.48 11.16
N ILE A 446 0.62 -20.98 11.73
CA ILE A 446 1.87 -21.10 11.01
C ILE A 446 2.25 -22.57 10.87
N PHE A 447 2.67 -22.96 9.68
CA PHE A 447 3.11 -24.32 9.38
C PHE A 447 4.51 -24.22 8.78
N ARG A 448 5.46 -25.01 9.31
CA ARG A 448 6.83 -24.96 8.84
C ARG A 448 7.40 -26.35 8.58
N CYS A 449 8.16 -26.48 7.49
CA CYS A 449 8.91 -27.70 7.24
C CYS A 449 10.38 -27.38 7.11
N GLN A 450 11.21 -28.29 7.60
CA GLN A 450 12.64 -28.22 7.34
C GLN A 450 13.05 -29.54 6.68
N ALA A 451 13.65 -29.47 5.50
CA ALA A 451 14.12 -30.66 4.78
C ALA A 451 15.64 -30.65 4.71
N MET A 452 16.25 -31.79 5.03
CA MET A 452 17.72 -31.90 5.05
C MET A 452 18.16 -32.95 4.05
N ASN A 453 19.08 -32.59 3.16
CA ASN A 453 19.58 -33.52 2.15
C ASN A 453 20.90 -34.14 2.56
N ARG A 454 21.24 -35.26 1.92
CA ARG A 454 22.44 -36.02 2.27
C ARG A 454 23.73 -35.24 2.03
N ASN A 455 23.68 -34.25 1.15
CA ASN A 455 24.85 -33.42 0.86
C ASN A 455 24.96 -32.24 1.82
N GLY A 456 24.06 -32.17 2.79
CA GLY A 456 24.08 -31.13 3.81
C GLY A 456 23.11 -29.98 3.57
N LYS A 457 22.48 -29.95 2.40
CA LYS A 457 21.57 -28.84 2.08
C LYS A 457 20.38 -28.83 3.03
N GLU A 458 20.00 -27.63 3.45
CA GLU A 458 18.80 -27.43 4.26
C GLU A 458 17.83 -26.51 3.49
N THR A 459 16.55 -26.86 3.49
CA THR A 459 15.53 -26.01 2.89
C THR A 459 14.38 -25.83 3.88
N LYS A 460 13.97 -24.57 4.07
CA LYS A 460 12.86 -24.28 4.97
C LYS A 460 11.65 -23.82 4.18
N SER A 461 10.48 -24.33 4.56
CA SER A 461 9.20 -23.88 4.02
C SER A 461 8.41 -23.25 5.16
N ASN A 462 7.80 -22.10 4.91
CA ASN A 462 7.15 -21.34 5.97
C ASN A 462 5.83 -20.82 5.45
N TYR A 463 4.72 -21.29 6.03
CA TYR A 463 3.38 -20.97 5.54
C TYR A 463 2.54 -20.29 6.59
N ARG A 464 1.86 -19.21 6.21
CA ARG A 464 0.90 -18.56 7.08
C ARG A 464 -0.47 -18.91 6.53
N VAL A 465 -1.22 -19.74 7.26
CA VAL A 465 -2.48 -20.28 6.77
C VAL A 465 -3.68 -19.56 7.37
N ARG A 466 -4.59 -19.13 6.49
CA ARG A 466 -5.86 -18.55 6.90
C ARG A 466 -6.96 -19.28 6.17
N VAL A 467 -8.14 -19.33 6.77
CA VAL A 467 -9.26 -20.02 6.14
C VAL A 467 -10.46 -19.09 5.94
N TYR A 468 -11.40 -19.52 5.12
CA TYR A 468 -12.57 -18.69 4.85
C TYR A 468 -13.78 -19.57 4.56
N GLN A 469 -14.97 -19.01 4.71
CA GLN A 469 -16.17 -19.65 4.22
C GLN A 469 -17.01 -18.59 3.53
N ILE A 470 -17.66 -19.01 2.46
CA ILE A 470 -18.53 -18.15 1.67
C ILE A 470 -19.94 -18.27 2.21
N PRO A 471 -20.59 -17.12 2.51
CA PRO A 471 -21.95 -17.21 3.04
C PRO A 471 -22.92 -17.59 1.92
N GLY A 472 -24.15 -17.96 2.30
CA GLY A 472 -25.20 -18.11 1.31
C GLY A 472 -25.47 -16.78 0.64
N LYS A 473 -26.07 -16.81 -0.54
CA LYS A 473 -26.44 -15.58 -1.22
C LYS A 473 -27.24 -14.68 -0.28
N PRO A 474 -26.92 -13.37 -0.25
CA PRO A 474 -27.63 -12.50 0.69
C PRO A 474 -29.08 -12.30 0.26
N GLU A 475 -29.94 -11.95 1.21
CA GLU A 475 -31.35 -11.72 0.92
C GLU A 475 -31.82 -10.44 1.58
N ILE A 476 -32.77 -9.77 0.95
CA ILE A 476 -33.41 -8.61 1.58
C ILE A 476 -34.75 -9.06 2.15
N VAL A 477 -34.95 -8.80 3.44
CA VAL A 477 -36.19 -9.15 4.11
C VAL A 477 -36.87 -7.91 4.71
N ASP A 478 -38.13 -8.05 5.12
CA ASP A 478 -38.83 -6.98 5.83
C ASP A 478 -38.81 -5.66 5.02
N SER A 479 -39.08 -5.77 3.74
CA SER A 479 -38.98 -4.63 2.83
C SER A 479 -40.32 -3.94 2.59
N ALA A 480 -40.27 -2.64 2.38
CA ALA A 480 -41.47 -1.84 2.11
C ALA A 480 -41.52 -1.46 0.64
N SER A 481 -42.59 -1.87 -0.05
CA SER A 481 -42.72 -1.64 -1.49
C SER A 481 -43.20 -0.25 -1.85
N GLU A 482 -43.82 0.46 -0.90
CA GLU A 482 -44.25 1.83 -1.12
C GLU A 482 -43.42 2.75 -0.24
N LEU A 483 -42.88 3.80 -0.84
CA LEU A 483 -42.08 4.78 -0.10
C LEU A 483 -42.80 6.11 -0.07
N THR A 484 -42.61 6.87 1.01
CA THR A 484 -43.23 8.18 1.17
C THR A 484 -42.13 9.23 1.25
N ALA A 485 -42.19 10.24 0.39
CA ALA A 485 -41.17 11.28 0.37
C ALA A 485 -41.21 12.09 1.65
N GLY A 486 -40.04 12.55 2.09
CA GLY A 486 -39.97 13.52 3.17
C GLY A 486 -39.85 12.94 4.57
N VAL A 487 -39.99 11.63 4.70
CA VAL A 487 -39.84 10.93 5.97
C VAL A 487 -38.95 9.71 5.75
N PRO A 488 -38.35 9.20 6.82
CA PRO A 488 -37.53 8.00 6.67
C PRO A 488 -38.39 6.78 6.35
N ASN A 489 -37.91 5.92 5.46
CA ASN A 489 -38.58 4.69 5.08
C ASN A 489 -37.63 3.52 5.22
N LYS A 490 -38.09 2.43 5.82
CA LYS A 490 -37.28 1.22 5.89
C LYS A 490 -37.37 0.46 4.56
N VAL A 491 -36.32 0.56 3.76
CA VAL A 491 -36.26 -0.15 2.49
C VAL A 491 -36.27 -1.65 2.73
N GLY A 492 -35.54 -2.10 3.74
CA GLY A 492 -35.45 -3.51 4.04
C GLY A 492 -34.21 -3.81 4.84
N THR A 493 -34.03 -5.07 5.20
CA THR A 493 -32.85 -5.50 5.93
C THR A 493 -32.16 -6.57 5.12
N CYS A 494 -30.88 -6.34 4.80
CA CYS A 494 -30.09 -7.33 4.10
C CYS A 494 -29.52 -8.28 5.12
N VAL A 495 -29.57 -9.57 4.82
CA VAL A 495 -29.08 -10.59 5.74
C VAL A 495 -28.17 -11.56 5.00
N SER A 496 -27.02 -11.84 5.60
CA SER A 496 -26.05 -12.80 5.06
C SER A 496 -25.69 -13.78 6.17
N GLU A 497 -25.76 -15.07 5.86
CA GLU A 497 -25.48 -16.08 6.88
C GLU A 497 -24.38 -17.04 6.44
N GLY A 498 -23.41 -17.29 7.32
CA GLY A 498 -22.45 -18.35 7.12
C GLY A 498 -21.06 -17.96 6.65
N SER A 499 -20.66 -16.71 6.86
CA SER A 499 -19.33 -16.28 6.43
C SER A 499 -18.22 -16.51 7.47
N TYR A 500 -17.00 -16.66 6.97
CA TYR A 500 -15.80 -16.50 7.79
C TYR A 500 -14.68 -15.95 6.91
N PRO A 501 -13.98 -14.90 7.38
CA PRO A 501 -14.30 -14.05 8.53
C PRO A 501 -15.63 -13.33 8.28
N ALA A 502 -15.95 -12.34 9.10
CA ALA A 502 -17.29 -11.74 9.04
C ALA A 502 -17.65 -11.20 7.66
N GLY A 503 -16.77 -10.38 7.08
CA GLY A 503 -17.09 -9.66 5.86
C GLY A 503 -17.99 -8.47 6.16
N THR A 504 -18.50 -7.84 5.11
CA THR A 504 -19.36 -6.68 5.27
C THR A 504 -20.47 -6.67 4.23
N LEU A 505 -21.56 -5.98 4.55
CA LEU A 505 -22.67 -5.77 3.62
C LEU A 505 -22.67 -4.32 3.15
N SER A 506 -22.97 -4.11 1.87
CA SER A 506 -23.05 -2.76 1.30
C SER A 506 -24.33 -2.62 0.50
N TRP A 507 -24.94 -1.45 0.56
CA TRP A 507 -26.15 -1.15 -0.21
C TRP A 507 -25.81 -0.35 -1.46
N HIS A 508 -26.64 -0.51 -2.48
CA HIS A 508 -26.42 0.18 -3.76
C HIS A 508 -27.74 0.76 -4.24
N LEU A 509 -27.66 1.91 -4.89
CA LEU A 509 -28.83 2.52 -5.51
C LEU A 509 -28.50 2.78 -6.97
N ASP A 510 -29.33 2.25 -7.87
CA ASP A 510 -29.15 2.45 -9.30
C ASP A 510 -27.73 2.09 -9.73
N GLY A 511 -27.26 0.96 -9.24
CA GLY A 511 -25.97 0.42 -9.64
C GLY A 511 -24.75 1.18 -9.17
N LYS A 512 -24.93 2.04 -8.17
CA LYS A 512 -23.81 2.74 -7.55
C LYS A 512 -23.86 2.55 -6.05
N PRO A 513 -22.69 2.52 -5.40
CA PRO A 513 -22.73 2.35 -3.94
C PRO A 513 -23.58 3.44 -3.30
N LEU A 514 -24.20 3.11 -2.17
CA LEU A 514 -25.08 4.02 -1.45
C LEU A 514 -24.44 4.39 -0.11
N VAL A 515 -24.09 5.67 0.06
CA VAL A 515 -23.28 6.11 1.19
C VAL A 515 -24.10 6.58 2.38
N PRO A 516 -23.94 5.91 3.53
CA PRO A 516 -24.70 6.26 4.74
C PRO A 516 -24.45 7.68 5.22
N ASN A 517 -25.44 8.24 5.89
CA ASN A 517 -25.35 9.56 6.54
C ASN A 517 -25.27 10.73 5.57
N GLU A 518 -25.41 10.42 4.29
CA GLU A 518 -25.50 11.45 3.26
C GLU A 518 -26.83 11.34 2.52
N LYS A 519 -27.37 12.49 2.14
CA LYS A 519 -28.64 12.57 1.39
C LYS A 519 -29.79 11.74 1.98
N GLY A 520 -29.90 11.74 3.31
CA GLY A 520 -31.03 11.13 3.98
C GLY A 520 -30.98 9.62 4.11
N VAL A 521 -29.78 9.07 3.98
CA VAL A 521 -29.56 7.63 4.06
C VAL A 521 -28.96 7.25 5.41
N SER A 522 -29.51 6.22 6.04
CA SER A 522 -28.89 5.68 7.25
C SER A 522 -28.95 4.16 7.26
N VAL A 523 -27.97 3.55 7.91
CA VAL A 523 -27.87 2.10 7.99
C VAL A 523 -27.64 1.66 9.43
N LYS A 524 -28.33 0.61 9.85
CA LYS A 524 -28.10 -0.02 11.14
C LYS A 524 -27.57 -1.42 10.89
N GLU A 525 -26.39 -1.72 11.43
CA GLU A 525 -25.72 -2.99 11.13
C GLU A 525 -25.51 -3.81 12.39
N GLN A 526 -25.52 -5.13 12.24
CA GLN A 526 -25.11 -5.99 13.34
C GLN A 526 -24.43 -7.25 12.83
N THR A 527 -23.57 -7.81 13.69
CA THR A 527 -22.85 -9.04 13.42
C THR A 527 -23.12 -10.02 14.56
N ARG A 528 -23.45 -11.26 14.21
CA ARG A 528 -23.57 -12.33 15.21
C ARG A 528 -22.67 -13.49 14.82
N ARG A 529 -22.09 -14.14 15.84
CA ARG A 529 -21.20 -15.27 15.62
C ARG A 529 -21.84 -16.52 16.20
N HIS A 530 -21.90 -17.59 15.41
CA HIS A 530 -22.48 -18.84 15.90
C HIS A 530 -21.51 -19.46 16.90
N PRO A 531 -22.00 -19.83 18.09
CA PRO A 531 -21.14 -20.32 19.18
C PRO A 531 -20.41 -21.62 18.86
N GLU A 532 -20.99 -22.46 18.00
CA GLU A 532 -20.37 -23.76 17.71
C GLU A 532 -19.49 -23.72 16.47
N THR A 533 -20.01 -23.12 15.39
CA THR A 533 -19.31 -23.16 14.10
C THR A 533 -18.37 -22.00 13.90
N GLY A 534 -18.59 -20.91 14.64
CA GLY A 534 -17.77 -19.73 14.49
C GLY A 534 -18.08 -18.92 13.23
N LEU A 535 -19.11 -19.32 12.49
CA LEU A 535 -19.51 -18.59 11.29
C LEU A 535 -20.38 -17.38 11.63
N PHE A 536 -20.34 -16.37 10.76
CA PHE A 536 -20.99 -15.09 11.03
C PHE A 536 -22.29 -14.86 10.27
N THR A 537 -23.24 -14.20 10.93
CA THR A 537 -24.46 -13.71 10.30
C THR A 537 -24.48 -12.19 10.40
N LEU A 538 -24.63 -11.53 9.26
CA LEU A 538 -24.64 -10.07 9.22
C LEU A 538 -26.03 -9.56 8.85
N GLN A 539 -26.40 -8.43 9.44
CA GLN A 539 -27.60 -7.71 9.03
C GLN A 539 -27.30 -6.25 8.75
N SER A 540 -27.98 -5.70 7.74
CA SER A 540 -27.87 -4.28 7.44
C SER A 540 -29.24 -3.73 7.05
N GLU A 541 -29.80 -2.92 7.94
CA GLU A 541 -31.11 -2.30 7.73
C GLU A 541 -30.93 -0.93 7.10
N LEU A 542 -31.55 -0.72 5.95
CA LEU A 542 -31.42 0.54 5.21
C LEU A 542 -32.65 1.43 5.37
N MET A 543 -32.42 2.68 5.75
CA MET A 543 -33.45 3.71 5.77
C MET A 543 -33.12 4.78 4.75
N VAL A 544 -34.13 5.22 4.02
CA VAL A 544 -33.97 6.35 3.12
C VAL A 544 -35.11 7.34 3.28
N THR A 545 -34.77 8.62 3.11
CA THR A 545 -35.75 9.69 3.07
C THR A 545 -35.77 10.27 1.67
N PRO A 546 -36.71 9.82 0.84
CA PRO A 546 -36.75 10.30 -0.54
C PRO A 546 -37.05 11.79 -0.59
N ALA A 547 -36.38 12.51 -1.48
CA ALA A 547 -36.64 13.93 -1.66
C ALA A 547 -37.85 14.10 -2.56
N ARG A 548 -38.77 14.97 -2.20
CA ARG A 548 -39.94 15.19 -3.03
C ARG A 548 -39.53 15.69 -4.40
N GLY A 549 -40.12 15.10 -5.44
CA GLY A 549 -39.79 15.45 -6.80
C GLY A 549 -38.60 14.68 -7.35
N GLY A 550 -38.01 13.86 -6.49
CA GLY A 550 -36.90 13.01 -6.90
C GLY A 550 -37.39 11.87 -7.78
N ASP A 551 -36.47 11.00 -8.18
CA ASP A 551 -36.81 9.83 -8.98
C ASP A 551 -37.66 8.88 -8.16
N PRO A 552 -38.90 8.62 -8.61
CA PRO A 552 -39.84 7.81 -7.82
C PRO A 552 -39.66 6.31 -8.03
N ARG A 553 -38.67 5.92 -8.83
CA ARG A 553 -38.48 4.51 -9.16
C ARG A 553 -37.05 4.02 -8.90
N PRO A 554 -36.60 4.09 -7.64
CA PRO A 554 -35.25 3.65 -7.31
C PRO A 554 -35.09 2.14 -7.45
N THR A 555 -33.87 1.69 -7.73
CA THR A 555 -33.54 0.28 -7.69
C THR A 555 -32.45 0.06 -6.65
N PHE A 556 -32.75 -0.71 -5.62
CA PHE A 556 -31.80 -1.00 -4.55
C PHE A 556 -31.30 -2.44 -4.63
N SER A 557 -30.08 -2.66 -4.17
CA SER A 557 -29.57 -4.00 -3.99
C SER A 557 -28.55 -3.98 -2.87
N CYS A 558 -28.20 -5.17 -2.37
CA CYS A 558 -27.24 -5.31 -1.30
C CYS A 558 -26.20 -6.32 -1.74
N SER A 559 -24.95 -6.13 -1.34
CA SER A 559 -23.93 -7.10 -1.68
C SER A 559 -23.10 -7.44 -0.46
N PHE A 560 -22.61 -8.67 -0.44
CA PHE A 560 -21.66 -9.12 0.57
C PHE A 560 -20.27 -9.15 -0.03
N SER A 561 -19.30 -8.55 0.67
CA SER A 561 -17.90 -8.66 0.28
C SER A 561 -17.02 -9.16 1.42
N PRO A 562 -16.10 -10.09 1.10
CA PRO A 562 -15.07 -10.46 2.08
C PRO A 562 -14.01 -9.36 2.19
N GLY A 563 -13.33 -9.26 3.33
CA GLY A 563 -12.30 -8.26 3.54
C GLY A 563 -11.15 -8.40 2.55
N LEU A 564 -10.70 -9.63 2.36
CA LEU A 564 -9.75 -9.96 1.30
C LEU A 564 -10.46 -10.78 0.23
N PRO A 565 -10.03 -10.63 -1.04
CA PRO A 565 -10.73 -11.26 -2.17
C PRO A 565 -10.52 -12.76 -2.31
N ARG A 566 -10.88 -13.52 -1.28
CA ARG A 566 -10.82 -14.98 -1.36
C ARG A 566 -11.89 -15.52 -2.31
N HIS A 567 -12.94 -14.72 -2.52
CA HIS A 567 -14.01 -15.05 -3.44
C HIS A 567 -14.67 -13.76 -3.91
N ARG A 568 -15.53 -13.85 -4.92
CA ARG A 568 -16.19 -12.67 -5.45
C ARG A 568 -17.32 -12.21 -4.54
N ALA A 569 -17.74 -10.95 -4.69
CA ALA A 569 -18.89 -10.45 -3.96
C ALA A 569 -20.15 -11.23 -4.32
N LEU A 570 -21.08 -11.30 -3.36
CA LEU A 570 -22.38 -11.91 -3.62
C LEU A 570 -23.43 -10.80 -3.56
N ARG A 571 -24.41 -10.85 -4.44
CA ARG A 571 -25.40 -9.76 -4.55
C ARG A 571 -26.82 -10.28 -4.42
N THR A 572 -27.71 -9.45 -3.91
CA THR A 572 -29.13 -9.81 -3.86
C THR A 572 -29.75 -9.53 -5.21
N ALA A 573 -30.94 -10.08 -5.46
CA ALA A 573 -31.75 -9.59 -6.56
C ALA A 573 -32.07 -8.14 -6.23
N PRO A 574 -32.26 -7.31 -7.26
CA PRO A 574 -32.62 -5.91 -7.00
C PRO A 574 -34.06 -5.81 -6.51
N ILE A 575 -34.36 -4.78 -5.74
CA ILE A 575 -35.74 -4.46 -5.41
C ILE A 575 -36.09 -3.07 -5.93
N GLN A 576 -37.35 -2.89 -6.29
CA GLN A 576 -37.78 -1.65 -6.92
C GLN A 576 -39.03 -1.09 -6.26
N PRO A 577 -38.90 -0.63 -5.02
CA PRO A 577 -40.02 0.04 -4.36
C PRO A 577 -40.33 1.35 -5.10
N ARG A 578 -41.53 1.86 -4.91
CA ARG A 578 -41.96 3.06 -5.61
C ARG A 578 -42.36 4.16 -4.64
N VAL A 579 -41.98 5.39 -4.97
CA VAL A 579 -42.41 6.55 -4.20
C VAL A 579 -43.81 6.96 -4.67
N TRP A 580 -44.77 6.92 -3.77
CA TRP A 580 -46.14 7.32 -4.07
C TRP A 580 -46.49 8.55 -3.26
N GLU A 581 -47.18 9.52 -3.87
CA GLU A 581 -47.77 10.60 -3.11
C GLU A 581 -48.90 10.06 -2.23
#